data_6B4X
#
_entry.id   6B4X
#
_cell.length_a   139.726
_cell.length_b   39.514
_cell.length_c   53.784
_cell.angle_alpha   90.00
_cell.angle_beta   90.00
_cell.angle_gamma   90.00
#
_symmetry.space_group_name_H-M   'P 21 21 2'
#
loop_
_entity.id
_entity.type
_entity.pdbx_description
1 polymer 'Sulfotransferase oxamniquine resistance protein'
2 non-polymer "ADENOSINE-3'-5'-DIPHOSPHATE"
3 non-polymer 'SODIUM ION'
4 non-polymer 2-AMINO-2-HYDROXYMETHYL-PROPANE-1,3-DIOL
5 water water
#
_entity_poly.entity_id   1
_entity_poly.type   'polypeptide(L)'
_entity_poly.pdbx_seq_one_letter_code
;GAMIESSTTIQVISAGLPRTGTKSLKNALEIIYHKPCYHMYEIIFNKQSDIIKWQNLIHDSHMITTPPPLTTKTIAIYDK
LKELLDGYIATTDLPTCGFYKDLMNIYPNAKVLLTIRDKYDWLHSLRKVVLPKSNDPWKLKIEEGDKVLGLNSDFYKLTE
DSLKFAFQKDDLNFDDDQVLLECYDEYNRLVQETVPSDRLLVLRLGDGWEPLCKFLNVEIPNGIDYP(CAS)VNSHHQMT
QLTEQLIKYKSLDAIIHMFPDLI
;
_entity_poly.pdbx_strand_id   A
#
loop_
_chem_comp.id
_chem_comp.type
_chem_comp.name
_chem_comp.formula
A3P RNA linking ADENOSINE-3'-5'-DIPHOSPHATE 'C10 H15 N5 O10 P2'
NA non-polymer 'SODIUM ION' 'Na 1'
TRS non-polymer 2-AMINO-2-HYDROXYMETHYL-PROPANE-1,3-DIOL 'C4 H12 N O3 1'
#
# COMPACT_ATOMS: atom_id res chain seq x y z
N GLY A 1 24.29 9.67 -14.47
CA GLY A 1 24.46 10.55 -13.33
C GLY A 1 25.44 9.98 -12.32
N ALA A 2 25.90 10.82 -11.40
CA ALA A 2 26.77 10.39 -10.33
C ALA A 2 26.01 9.57 -9.30
N MET A 3 26.73 8.69 -8.64
CA MET A 3 26.18 7.92 -7.54
C MET A 3 26.34 8.72 -6.25
N ILE A 4 25.24 8.90 -5.53
CA ILE A 4 25.24 9.61 -4.26
C ILE A 4 24.72 8.71 -3.13
N GLU A 5 25.09 9.02 -1.90
CA GLU A 5 24.73 8.15 -0.77
C GLU A 5 23.44 8.60 -0.12
N SER A 6 22.39 7.83 -0.40
CA SER A 6 21.03 8.10 0.02
C SER A 6 20.80 7.70 1.47
N SER A 7 20.06 8.53 2.20
N SER A 7 20.06 8.53 2.20
CA SER A 7 19.71 8.25 3.59
CA SER A 7 19.68 8.23 3.57
C SER A 7 18.60 7.19 3.71
C SER A 7 18.65 7.10 3.61
N THR A 8 18.81 6.19 4.56
CA THR A 8 17.80 5.14 4.76
C THR A 8 16.75 5.65 5.75
N THR A 9 15.81 6.43 5.21
CA THR A 9 14.67 6.93 5.93
C THR A 9 13.56 7.11 4.90
N ILE A 10 12.34 7.34 5.35
CA ILE A 10 11.24 7.45 4.41
C ILE A 10 11.43 8.68 3.54
N GLN A 11 11.58 8.45 2.24
CA GLN A 11 11.78 9.54 1.29
C GLN A 11 10.58 9.78 0.40
N VAL A 12 9.72 8.77 0.32
CA VAL A 12 8.54 8.81 -0.55
C VAL A 12 7.36 8.21 0.21
N ILE A 13 6.27 8.97 0.32
CA ILE A 13 5.03 8.51 0.94
C ILE A 13 4.00 8.39 -0.17
N SER A 14 3.56 7.17 -0.47
CA SER A 14 2.53 7.03 -1.50
C SER A 14 1.15 6.87 -0.88
N ALA A 15 0.29 7.85 -1.14
CA ALA A 15 -1.07 7.87 -0.61
C ALA A 15 -2.04 7.01 -1.40
N GLY A 16 -1.58 6.47 -2.53
CA GLY A 16 -2.46 5.69 -3.40
C GLY A 16 -3.13 4.50 -2.73
N LEU A 17 -4.39 4.29 -3.06
CA LEU A 17 -5.17 3.19 -2.47
C LEU A 17 -4.75 1.82 -3.03
N PRO A 18 -5.09 0.75 -2.32
CA PRO A 18 -4.84 -0.57 -2.92
C PRO A 18 -5.47 -0.72 -4.31
N ARG A 19 -4.80 -1.48 -5.17
CA ARG A 19 -5.24 -1.75 -6.54
C ARG A 19 -5.07 -0.53 -7.46
N THR A 20 -4.11 0.33 -7.13
CA THR A 20 -3.77 1.46 -8.00
C THR A 20 -2.33 1.43 -8.48
N GLY A 21 -1.72 0.25 -8.48
CA GLY A 21 -0.32 0.10 -8.90
C GLY A 21 0.68 0.23 -7.76
N THR A 22 0.26 -0.07 -6.54
CA THR A 22 1.13 0.09 -5.37
C THR A 22 2.28 -0.91 -5.37
N LYS A 23 2.04 -2.13 -5.81
CA LYS A 23 3.12 -3.13 -5.80
C LYS A 23 4.15 -2.81 -6.87
N SER A 24 3.71 -2.38 -8.04
CA SER A 24 4.65 -1.94 -9.07
C SER A 24 5.48 -0.76 -8.57
N LEU A 25 4.82 0.15 -7.86
CA LEU A 25 5.51 1.32 -7.31
C LEU A 25 6.52 0.91 -6.22
N LYS A 26 6.11 -0.01 -5.35
CA LYS A 26 7.03 -0.57 -4.37
C LYS A 26 8.29 -1.12 -5.08
N ASN A 27 8.08 -1.94 -6.10
CA ASN A 27 9.19 -2.52 -6.84
C ASN A 27 10.04 -1.42 -7.49
N ALA A 28 9.37 -0.42 -8.05
CA ALA A 28 10.08 0.68 -8.73
C ALA A 28 10.95 1.45 -7.75
N LEU A 29 10.41 1.73 -6.57
CA LEU A 29 11.14 2.50 -5.57
C LEU A 29 12.32 1.70 -5.05
N GLU A 30 12.15 0.37 -4.94
CA GLU A 30 13.26 -0.47 -4.52
C GLU A 30 14.37 -0.53 -5.58
N ILE A 31 13.98 -0.47 -6.85
CA ILE A 31 14.96 -0.40 -7.94
C ILE A 31 15.76 0.91 -7.89
N ILE A 32 15.08 2.01 -7.58
CA ILE A 32 15.74 3.31 -7.51
C ILE A 32 16.62 3.44 -6.28
N TYR A 33 16.11 3.02 -5.13
CA TYR A 33 16.75 3.35 -3.85
C TYR A 33 17.58 2.21 -3.25
N HIS A 34 17.36 0.99 -3.72
CA HIS A 34 18.14 -0.17 -3.25
C HIS A 34 17.95 -0.43 -1.77
N LYS A 35 16.80 -0.02 -1.25
CA LYS A 35 16.40 -0.28 0.14
C LYS A 35 14.91 -0.61 0.11
N PRO A 36 14.40 -1.28 1.16
CA PRO A 36 13.02 -1.77 1.13
C PRO A 36 11.96 -0.68 1.17
N CYS A 37 10.85 -0.93 0.47
CA CYS A 37 9.68 -0.09 0.49
C CYS A 37 8.57 -0.85 1.21
N TYR A 38 7.85 -0.19 2.12
CA TYR A 38 6.74 -0.84 2.82
C TYR A 38 5.53 -1.05 1.90
N HIS A 39 4.78 -2.13 2.14
CA HIS A 39 3.63 -2.48 1.32
C HIS A 39 2.90 -3.55 2.13
N MET A 40 1.63 -3.81 1.84
CA MET A 40 0.97 -4.93 2.56
C MET A 40 1.72 -6.26 2.34
N TYR A 41 2.36 -6.44 1.19
CA TYR A 41 3.09 -7.68 0.95
C TYR A 41 4.33 -7.80 1.85
N GLU A 42 4.89 -6.67 2.28
CA GLU A 42 5.96 -6.71 3.27
C GLU A 42 5.44 -7.34 4.57
N ILE A 43 4.22 -6.98 4.96
CA ILE A 43 3.61 -7.59 6.14
C ILE A 43 3.36 -9.07 5.89
N ILE A 44 2.74 -9.40 4.76
CA ILE A 44 2.40 -10.80 4.46
C ILE A 44 3.62 -11.70 4.43
N PHE A 45 4.67 -11.23 3.77
CA PHE A 45 5.81 -12.11 3.49
C PHE A 45 6.98 -12.00 4.46
N ASN A 46 7.12 -10.87 5.13
CA ASN A 46 8.29 -10.63 5.96
C ASN A 46 7.99 -10.23 7.40
N LYS A 47 6.80 -9.67 7.64
CA LYS A 47 6.53 -9.04 8.93
C LYS A 47 5.12 -9.28 9.45
N GLN A 48 4.70 -10.54 9.54
CA GLN A 48 3.35 -10.81 10.03
C GLN A 48 3.19 -10.37 11.48
N SER A 49 4.28 -10.30 12.21
CA SER A 49 4.26 -9.79 13.58
C SER A 49 3.87 -8.31 13.64
N ASP A 50 3.93 -7.61 12.50
CA ASP A 50 3.52 -6.21 12.44
C ASP A 50 2.00 -6.05 12.44
N ILE A 51 1.25 -7.12 12.15
CA ILE A 51 -0.19 -6.97 12.00
C ILE A 51 -0.82 -6.42 13.26
N ILE A 52 -0.50 -7.00 14.41
CA ILE A 52 -1.07 -6.56 15.68
C ILE A 52 -0.60 -5.13 16.02
N LYS A 53 0.61 -4.77 15.58
CA LYS A 53 1.11 -3.43 15.86
C LYS A 53 0.34 -2.37 15.07
N TRP A 54 0.08 -2.65 13.80
CA TRP A 54 -0.72 -1.74 12.99
C TRP A 54 -2.15 -1.66 13.51
N GLN A 55 -2.68 -2.81 13.94
CA GLN A 55 -4.02 -2.84 14.50
C GLN A 55 -4.10 -1.96 15.74
N ASN A 56 -3.11 -2.09 16.62
CA ASN A 56 -3.04 -1.26 17.83
C ASN A 56 -2.97 0.22 17.46
N LEU A 57 -2.17 0.54 16.45
CA LEU A 57 -1.93 1.91 16.06
C LEU A 57 -3.22 2.49 15.51
N ILE A 58 -3.90 1.73 14.66
CA ILE A 58 -5.19 2.18 14.12
C ILE A 58 -6.21 2.37 15.25
N HIS A 59 -6.25 1.44 16.19
CA HIS A 59 -7.13 1.55 17.36
C HIS A 59 -6.95 2.87 18.12
N ASP A 60 -5.71 3.34 18.19
CA ASP A 60 -5.41 4.56 18.94
C ASP A 60 -5.42 5.81 18.05
N SER A 61 -5.55 5.61 16.74
CA SER A 61 -5.35 6.71 15.81
CA SER A 61 -5.38 6.68 15.76
C SER A 61 -6.40 7.81 15.84
N HIS A 62 -7.56 7.55 16.43
CA HIS A 62 -8.57 8.59 16.58
C HIS A 62 -8.06 9.72 17.48
N MET A 63 -7.08 9.40 18.31
CA MET A 63 -6.53 10.35 19.26
C MET A 63 -5.50 11.30 18.62
N ILE A 64 -5.22 11.09 17.35
CA ILE A 64 -4.32 12.00 16.63
C ILE A 64 -4.95 13.39 16.53
N THR A 65 -4.28 14.37 17.10
CA THR A 65 -4.66 15.76 16.92
C THR A 65 -3.78 16.33 15.82
N THR A 66 -4.40 16.70 14.71
CA THR A 66 -3.68 17.14 13.52
C THR A 66 -2.74 18.31 13.79
N PRO A 67 -1.43 18.05 13.77
CA PRO A 67 -0.43 19.10 13.96
C PRO A 67 -0.29 19.95 12.69
N LEU A 70 1.95 19.84 17.87
CA LEU A 70 2.02 18.42 18.28
C LEU A 70 1.59 18.21 19.72
N THR A 71 0.64 17.29 19.91
CA THR A 71 0.15 16.95 21.24
C THR A 71 0.80 15.67 21.77
N THR A 72 0.54 15.37 23.04
CA THR A 72 1.19 14.26 23.74
C THR A 72 0.90 12.89 23.13
N LYS A 73 -0.38 12.54 23.04
CA LYS A 73 -0.79 11.26 22.51
C LYS A 73 -0.42 11.12 21.03
N THR A 74 -0.35 12.25 20.33
CA THR A 74 0.06 12.24 18.93
C THR A 74 1.50 11.74 18.81
N ILE A 75 2.35 12.22 19.70
CA ILE A 75 3.76 11.85 19.72
C ILE A 75 3.93 10.35 19.94
N ALA A 76 3.15 9.80 20.87
CA ALA A 76 3.20 8.37 21.15
C ALA A 76 2.84 7.56 19.89
N ILE A 77 1.84 8.04 19.17
CA ILE A 77 1.42 7.38 17.94
C ILE A 77 2.48 7.56 16.85
N TYR A 78 3.02 8.76 16.71
CA TYR A 78 4.06 9.02 15.73
C TYR A 78 5.30 8.17 16.01
N ASP A 79 5.59 7.95 17.29
CA ASP A 79 6.73 7.11 17.66
C ASP A 79 6.56 5.66 17.20
N LYS A 80 5.35 5.13 17.30
CA LYS A 80 5.11 3.77 16.89
C LYS A 80 5.15 3.64 15.36
N LEU A 81 4.68 4.67 14.67
CA LEU A 81 4.74 4.72 13.20
C LEU A 81 6.20 4.70 12.74
N LYS A 82 7.02 5.54 13.36
N LYS A 82 7.02 5.53 13.37
CA LYS A 82 8.44 5.60 13.05
CA LYS A 82 8.43 5.60 13.02
C LYS A 82 9.07 4.23 13.24
C LYS A 82 9.15 4.28 13.28
N GLU A 83 8.78 3.61 14.37
CA GLU A 83 9.33 2.29 14.68
C GLU A 83 8.97 1.27 13.60
N LEU A 84 7.70 1.23 13.21
CA LEU A 84 7.26 0.27 12.20
C LEU A 84 7.99 0.46 10.88
N LEU A 85 8.37 1.69 10.57
CA LEU A 85 8.92 2.01 9.26
C LEU A 85 10.43 2.14 9.27
N ASP A 86 11.05 1.82 10.40
CA ASP A 86 12.50 1.90 10.50
C ASP A 86 13.16 0.99 9.45
N GLY A 87 14.14 1.52 8.74
CA GLY A 87 14.85 0.76 7.74
C GLY A 87 14.21 0.78 6.35
N TYR A 88 13.05 1.42 6.22
CA TYR A 88 12.41 1.54 4.91
C TYR A 88 12.62 2.90 4.30
N ILE A 89 12.60 2.96 2.96
CA ILE A 89 12.79 4.23 2.26
C ILE A 89 11.51 4.80 1.65
N ALA A 90 10.41 4.06 1.72
CA ALA A 90 9.13 4.53 1.19
C ALA A 90 7.98 3.74 1.76
N THR A 91 6.78 4.29 1.65
CA THR A 91 5.54 3.60 2.01
C THR A 91 4.58 3.54 0.83
N THR A 92 3.92 2.40 0.68
CA THR A 92 2.82 2.26 -0.27
C THR A 92 1.77 1.36 0.35
N ASP A 93 0.54 1.44 -0.16
CA ASP A 93 -0.53 0.48 0.13
C ASP A 93 -1.12 0.63 1.53
N LEU A 94 -2.20 -0.10 1.81
CA LEU A 94 -2.65 -0.28 3.18
C LEU A 94 -1.54 -1.04 3.90
N PRO A 95 -1.40 -0.83 5.22
CA PRO A 95 -2.17 0.09 6.06
C PRO A 95 -1.62 1.51 6.06
N THR A 96 -0.47 1.74 5.41
CA THR A 96 0.18 3.04 5.55
C THR A 96 -0.55 4.19 4.85
N CYS A 97 -1.22 3.91 3.73
CA CYS A 97 -1.63 5.01 2.86
C CYS A 97 -2.53 6.06 3.53
N GLY A 98 -3.45 5.63 4.39
CA GLY A 98 -4.33 6.55 5.09
C GLY A 98 -3.64 7.43 6.12
N PHE A 99 -2.40 7.08 6.45
CA PHE A 99 -1.60 7.87 7.39
C PHE A 99 -0.76 8.92 6.66
N TYR A 100 -1.04 9.17 5.39
CA TYR A 100 -0.18 10.07 4.62
C TYR A 100 0.07 11.43 5.27
N LYS A 101 -0.94 12.08 5.84
CA LYS A 101 -0.74 13.41 6.44
C LYS A 101 0.20 13.30 7.62
N ASP A 102 0.02 12.24 8.42
CA ASP A 102 0.86 12.04 9.59
C ASP A 102 2.31 11.71 9.20
N LEU A 103 2.46 10.88 8.17
CA LEU A 103 3.78 10.54 7.68
C LEU A 103 4.49 11.80 7.17
N MET A 104 3.74 12.74 6.60
CA MET A 104 4.33 14.00 6.14
C MET A 104 4.91 14.81 7.29
N ASN A 105 4.26 14.74 8.45
CA ASN A 105 4.76 15.43 9.63
C ASN A 105 6.01 14.75 10.18
N ILE A 106 5.97 13.42 10.20
CA ILE A 106 7.06 12.64 10.77
C ILE A 106 8.31 12.71 9.91
N TYR A 107 8.09 12.72 8.60
CA TYR A 107 9.17 12.80 7.61
C TYR A 107 8.99 14.06 6.78
N PRO A 108 9.38 15.21 7.34
CA PRO A 108 9.14 16.50 6.67
C PRO A 108 9.86 16.64 5.33
N ASN A 109 10.88 15.83 5.08
CA ASN A 109 11.61 15.90 3.82
C ASN A 109 11.22 14.80 2.83
N ALA A 110 10.15 14.08 3.15
CA ALA A 110 9.61 13.10 2.21
C ALA A 110 8.67 13.75 1.22
N LYS A 111 8.67 13.24 0.00
CA LYS A 111 7.71 13.68 -1.01
C LYS A 111 6.55 12.69 -1.07
N VAL A 112 5.44 13.11 -1.66
CA VAL A 112 4.21 12.34 -1.62
C VAL A 112 3.78 12.00 -3.04
N LEU A 113 3.34 10.76 -3.23
CA LEU A 113 2.79 10.30 -4.49
C LEU A 113 1.32 9.95 -4.30
N LEU A 114 0.54 10.07 -5.36
CA LEU A 114 -0.82 9.56 -5.37
C LEU A 114 -1.03 8.82 -6.67
N THR A 115 -1.21 7.51 -6.53
CA THR A 115 -1.52 6.62 -7.62
C THR A 115 -3.04 6.56 -7.80
N ILE A 116 -3.50 6.73 -9.02
CA ILE A 116 -4.93 6.73 -9.30
C ILE A 116 -5.21 5.96 -10.58
N ARG A 117 -6.48 5.67 -10.82
CA ARG A 117 -6.94 5.02 -12.04
C ARG A 117 -8.45 5.16 -12.16
N ASP A 118 -8.99 4.71 -13.29
CA ASP A 118 -10.43 4.66 -13.47
C ASP A 118 -11.11 3.97 -12.29
N LYS A 119 -12.14 4.62 -11.74
CA LYS A 119 -12.79 4.14 -10.52
C LYS A 119 -13.45 2.77 -10.67
N TYR A 120 -14.01 2.49 -11.85
CA TYR A 120 -14.64 1.19 -12.05
C TYR A 120 -13.61 0.08 -12.24
N ASP A 121 -12.51 0.36 -12.93
CA ASP A 121 -11.40 -0.61 -13.01
C ASP A 121 -10.88 -0.89 -11.61
N TRP A 122 -10.76 0.16 -10.81
CA TRP A 122 -10.32 0.01 -9.43
C TRP A 122 -11.25 -0.91 -8.65
N LEU A 123 -12.55 -0.63 -8.72
CA LEU A 123 -13.51 -1.42 -7.97
C LEU A 123 -13.47 -2.88 -8.41
N HIS A 124 -13.44 -3.11 -9.71
CA HIS A 124 -13.38 -4.46 -10.26
C HIS A 124 -12.17 -5.21 -9.73
N SER A 125 -11.01 -4.56 -9.73
CA SER A 125 -9.77 -5.13 -9.22
C SER A 125 -9.86 -5.41 -7.72
N LEU A 126 -10.36 -4.44 -6.98
CA LEU A 126 -10.54 -4.58 -5.54
C LEU A 126 -11.41 -5.80 -5.20
N ARG A 127 -12.50 -5.95 -5.95
CA ARG A 127 -13.42 -7.06 -5.71
C ARG A 127 -12.83 -8.44 -6.02
N LYS A 128 -11.82 -8.46 -6.89
CA LYS A 128 -11.18 -9.72 -7.24
C LYS A 128 -10.08 -10.15 -6.28
N VAL A 129 -9.54 -9.20 -5.50
CA VAL A 129 -8.33 -9.46 -4.74
C VAL A 129 -8.42 -9.11 -3.25
N VAL A 130 -8.89 -7.91 -2.94
CA VAL A 130 -8.80 -7.35 -1.60
C VAL A 130 -10.11 -7.48 -0.85
N LEU A 131 -11.20 -7.21 -1.55
CA LEU A 131 -12.50 -7.09 -0.92
C LEU A 131 -13.63 -7.69 -1.77
N PRO A 132 -13.61 -9.01 -1.97
CA PRO A 132 -14.74 -9.64 -2.66
C PRO A 132 -16.02 -9.47 -1.86
N LYS A 133 -17.16 -9.42 -2.55
CA LYS A 133 -18.44 -9.40 -1.86
C LYS A 133 -18.65 -10.68 -1.05
N SER A 134 -19.40 -10.56 0.04
CA SER A 134 -19.67 -11.70 0.92
C SER A 134 -20.22 -12.95 0.24
N ASN A 135 -21.01 -12.77 -0.80
CA ASN A 135 -21.70 -13.89 -1.42
C ASN A 135 -20.95 -14.41 -2.65
N ASP A 136 -19.78 -13.82 -2.90
CA ASP A 136 -18.96 -14.22 -4.02
C ASP A 136 -18.22 -15.50 -3.65
N PRO A 137 -18.46 -16.60 -4.40
CA PRO A 137 -17.76 -17.86 -4.16
C PRO A 137 -16.23 -17.71 -4.19
N TRP A 138 -15.72 -16.73 -4.94
CA TRP A 138 -14.27 -16.54 -5.02
C TRP A 138 -13.67 -16.14 -3.67
N LYS A 139 -14.46 -15.51 -2.83
CA LYS A 139 -14.02 -15.16 -1.48
C LYS A 139 -13.50 -16.38 -0.71
N LEU A 140 -14.17 -17.52 -0.86
CA LEU A 140 -13.75 -18.74 -0.17
C LEU A 140 -12.39 -19.22 -0.66
N LYS A 141 -12.12 -19.02 -1.95
CA LYS A 141 -10.83 -19.40 -2.53
C LYS A 141 -9.73 -18.49 -2.02
N ILE A 142 -10.00 -17.19 -1.99
CA ILE A 142 -9.02 -16.24 -1.46
C ILE A 142 -8.64 -16.65 -0.03
N GLU A 143 -9.66 -16.94 0.78
CA GLU A 143 -9.43 -17.31 2.16
C GLU A 143 -8.64 -18.60 2.30
N GLU A 144 -8.93 -19.58 1.46
CA GLU A 144 -8.22 -20.84 1.51
C GLU A 144 -6.73 -20.64 1.18
N GLY A 145 -6.45 -19.85 0.14
CA GLY A 145 -5.09 -19.55 -0.24
C GLY A 145 -4.39 -18.75 0.83
N ASP A 146 -5.11 -17.82 1.46
CA ASP A 146 -4.52 -16.97 2.49
C ASP A 146 -4.08 -17.77 3.70
N LYS A 147 -4.86 -18.80 4.05
CA LYS A 147 -4.49 -19.66 5.16
C LYS A 147 -3.15 -20.34 4.94
N VAL A 148 -2.87 -20.67 3.68
CA VAL A 148 -1.58 -21.27 3.33
C VAL A 148 -0.42 -20.32 3.66
N LEU A 149 -0.69 -19.02 3.54
CA LEU A 149 0.30 -17.98 3.85
C LEU A 149 0.38 -17.66 5.34
N GLY A 150 -0.45 -18.31 6.14
CA GLY A 150 -0.48 -18.04 7.57
C GLY A 150 -1.34 -16.85 7.96
N LEU A 151 -2.17 -16.38 7.04
CA LEU A 151 -3.04 -15.24 7.31
C LEU A 151 -4.39 -15.69 7.86
N ASN A 152 -4.85 -15.01 8.91
CA ASN A 152 -6.10 -15.37 9.54
C ASN A 152 -7.04 -14.16 9.60
N SER A 153 -8.09 -14.25 10.42
CA SER A 153 -9.09 -13.18 10.49
C SER A 153 -8.49 -11.82 10.87
N ASP A 154 -7.38 -11.83 11.60
CA ASP A 154 -6.76 -10.56 11.99
C ASP A 154 -6.19 -9.82 10.78
N PHE A 155 -5.79 -10.57 9.76
CA PHE A 155 -5.31 -9.96 8.54
C PHE A 155 -6.46 -9.21 7.85
N TYR A 156 -7.63 -9.83 7.78
CA TYR A 156 -8.78 -9.19 7.14
C TYR A 156 -9.26 -7.99 7.94
N LYS A 157 -9.17 -8.10 9.26
CA LYS A 157 -9.51 -7.01 10.15
C LYS A 157 -8.60 -5.81 9.87
N LEU A 158 -7.30 -6.05 9.70
CA LEU A 158 -6.36 -4.97 9.43
C LEU A 158 -6.67 -4.29 8.10
N THR A 159 -7.02 -5.08 7.09
CA THR A 159 -7.39 -4.53 5.80
C THR A 159 -8.63 -3.65 5.96
N GLU A 160 -9.65 -4.19 6.62
CA GLU A 160 -10.89 -3.44 6.84
C GLU A 160 -10.65 -2.17 7.61
N ASP A 161 -9.94 -2.27 8.73
CA ASP A 161 -9.77 -1.12 9.61
C ASP A 161 -8.88 -0.07 8.98
N SER A 162 -7.89 -0.49 8.20
CA SER A 162 -7.02 0.47 7.56
C SER A 162 -7.73 1.18 6.40
N LEU A 163 -8.67 0.49 5.77
N LEU A 163 -8.65 0.48 5.74
CA LEU A 163 -9.47 1.13 4.73
CA LEU A 163 -9.50 1.11 4.74
C LEU A 163 -10.48 2.12 5.35
C LEU A 163 -10.42 2.14 5.40
N LYS A 164 -11.08 1.72 6.47
CA LYS A 164 -11.95 2.63 7.23
C LYS A 164 -11.18 3.87 7.66
N PHE A 165 -9.94 3.67 8.10
CA PHE A 165 -9.12 4.80 8.52
C PHE A 165 -8.79 5.71 7.33
N ALA A 166 -8.41 5.11 6.20
CA ALA A 166 -8.11 5.89 5.00
C ALA A 166 -9.32 6.72 4.57
N PHE A 167 -10.49 6.10 4.65
CA PHE A 167 -11.73 6.75 4.21
C PHE A 167 -12.37 7.59 5.30
N GLN A 168 -11.80 7.57 6.50
CA GLN A 168 -12.34 8.32 7.63
C GLN A 168 -13.81 8.01 7.89
N LYS A 169 -14.12 6.72 7.86
CA LYS A 169 -15.45 6.23 8.22
C LYS A 169 -15.40 5.39 9.49
N ASP A 170 -16.35 5.62 10.39
CA ASP A 170 -16.44 4.83 11.63
C ASP A 170 -16.87 3.42 11.32
N ASP A 171 -17.78 3.27 10.36
CA ASP A 171 -18.05 1.97 9.80
C ASP A 171 -18.27 2.08 8.30
N LEU A 172 -18.35 0.94 7.65
CA LEU A 172 -18.32 0.94 6.22
C LEU A 172 -19.01 -0.32 5.72
N ASN A 173 -19.98 -0.16 4.82
CA ASN A 173 -20.62 -1.31 4.23
C ASN A 173 -19.73 -1.82 3.10
N PHE A 174 -18.90 -2.80 3.43
CA PHE A 174 -17.89 -3.28 2.49
C PHE A 174 -18.50 -3.88 1.21
N ASP A 175 -19.73 -4.39 1.32
CA ASP A 175 -20.37 -4.99 0.16
C ASP A 175 -21.09 -4.00 -0.76
N ASP A 176 -20.99 -2.71 -0.44
CA ASP A 176 -21.75 -1.68 -1.15
C ASP A 176 -20.84 -0.97 -2.16
N ASP A 177 -20.99 -1.29 -3.44
CA ASP A 177 -20.18 -0.70 -4.49
C ASP A 177 -20.28 0.84 -4.53
N GLN A 178 -21.48 1.38 -4.39
CA GLN A 178 -21.65 2.83 -4.46
C GLN A 178 -20.86 3.53 -3.35
N VAL A 179 -20.94 2.97 -2.14
CA VAL A 179 -20.19 3.52 -1.02
C VAL A 179 -18.68 3.49 -1.29
N LEU A 180 -18.16 2.36 -1.77
CA LEU A 180 -16.74 2.29 -2.05
C LEU A 180 -16.31 3.28 -3.13
N LEU A 181 -17.11 3.41 -4.19
CA LEU A 181 -16.79 4.33 -5.28
C LEU A 181 -16.76 5.77 -4.81
N GLU A 182 -17.72 6.14 -3.96
CA GLU A 182 -17.77 7.48 -3.42
C GLU A 182 -16.56 7.72 -2.52
N CYS A 183 -16.22 6.74 -1.69
CA CYS A 183 -15.04 6.86 -0.84
C CYS A 183 -13.75 7.02 -1.63
N TYR A 184 -13.62 6.26 -2.71
CA TYR A 184 -12.45 6.32 -3.57
C TYR A 184 -12.28 7.74 -4.14
N ASP A 185 -13.35 8.27 -4.73
CA ASP A 185 -13.29 9.60 -5.33
C ASP A 185 -13.00 10.66 -4.28
N GLU A 186 -13.66 10.56 -3.12
CA GLU A 186 -13.46 11.54 -2.05
C GLU A 186 -12.04 11.49 -1.51
N TYR A 187 -11.52 10.27 -1.33
CA TYR A 187 -10.16 10.09 -0.86
C TYR A 187 -9.13 10.73 -1.79
N ASN A 188 -9.25 10.44 -3.08
CA ASN A 188 -8.28 10.97 -4.04
C ASN A 188 -8.37 12.49 -4.15
N ARG A 189 -9.59 13.01 -4.06
CA ARG A 189 -9.81 14.45 -4.07
C ARG A 189 -9.13 15.08 -2.85
N LEU A 190 -9.34 14.48 -1.69
CA LEU A 190 -8.81 15.03 -0.44
C LEU A 190 -7.28 15.05 -0.40
N VAL A 191 -6.63 14.02 -0.93
CA VAL A 191 -5.17 14.01 -1.00
C VAL A 191 -4.67 15.21 -1.78
N GLN A 192 -5.30 15.47 -2.92
CA GLN A 192 -4.91 16.58 -3.76
C GLN A 192 -5.21 17.95 -3.16
N GLU A 193 -6.25 18.01 -2.33
CA GLU A 193 -6.58 19.26 -1.62
C GLU A 193 -5.62 19.51 -0.46
N THR A 194 -5.14 18.42 0.14
CA THR A 194 -4.37 18.46 1.39
C THR A 194 -2.87 18.66 1.18
N VAL A 195 -2.29 17.89 0.27
CA VAL A 195 -0.84 17.93 0.05
C VAL A 195 -0.47 19.08 -0.87
N PRO A 196 0.44 19.96 -0.42
CA PRO A 196 0.86 21.05 -1.32
C PRO A 196 1.37 20.50 -2.64
N SER A 197 1.00 21.13 -3.74
CA SER A 197 1.33 20.61 -5.07
C SER A 197 2.83 20.44 -5.29
N ASP A 198 3.65 21.29 -4.67
CA ASP A 198 5.10 21.17 -4.77
C ASP A 198 5.56 19.82 -4.22
N ARG A 199 4.76 19.25 -3.33
CA ARG A 199 5.16 18.06 -2.61
C ARG A 199 4.44 16.82 -3.12
N LEU A 200 3.61 16.99 -4.15
CA LEU A 200 2.77 15.90 -4.65
C LEU A 200 3.01 15.59 -6.11
N LEU A 201 3.11 14.30 -6.43
CA LEU A 201 3.06 13.86 -7.82
C LEU A 201 1.89 12.88 -7.99
N VAL A 202 0.98 13.20 -8.90
CA VAL A 202 -0.12 12.31 -9.22
C VAL A 202 0.28 11.41 -10.39
N LEU A 203 0.23 10.11 -10.15
CA LEU A 203 0.60 9.10 -11.15
C LEU A 203 -0.61 8.31 -11.62
N ARG A 204 -0.77 8.19 -12.93
N ARG A 204 -0.75 8.17 -12.93
CA ARG A 204 -1.79 7.32 -13.49
CA ARG A 204 -1.79 7.34 -13.51
C ARG A 204 -1.10 6.04 -13.94
C ARG A 204 -1.11 6.05 -13.97
N LEU A 205 -1.81 4.91 -13.88
CA LEU A 205 -1.24 3.64 -14.34
C LEU A 205 -0.76 3.81 -15.76
N GLY A 206 0.44 3.36 -16.06
CA GLY A 206 0.99 3.51 -17.39
C GLY A 206 1.98 4.64 -17.54
N ASP A 207 2.05 5.54 -16.55
CA ASP A 207 2.94 6.70 -16.66
C ASP A 207 4.43 6.32 -16.73
N GLY A 208 4.79 5.19 -16.13
CA GLY A 208 6.17 4.71 -16.19
C GLY A 208 7.18 5.50 -15.38
N TRP A 209 8.44 5.37 -15.76
CA TRP A 209 9.53 5.95 -14.97
C TRP A 209 9.63 7.48 -15.00
N GLU A 210 9.40 8.07 -16.16
CA GLU A 210 9.80 9.48 -16.39
C GLU A 210 9.31 10.50 -15.35
N PRO A 211 7.99 10.60 -15.12
CA PRO A 211 7.56 11.62 -14.18
C PRO A 211 8.02 11.34 -12.74
N LEU A 212 8.08 10.07 -12.38
CA LEU A 212 8.50 9.66 -11.05
C LEU A 212 9.96 10.02 -10.83
N CYS A 213 10.81 9.64 -11.77
CA CYS A 213 12.24 9.92 -11.62
C CYS A 213 12.54 11.42 -11.62
N LYS A 214 11.81 12.19 -12.43
CA LYS A 214 12.01 13.64 -12.45
C LYS A 214 11.68 14.23 -11.08
N PHE A 215 10.54 13.80 -10.54
CA PHE A 215 10.06 14.24 -9.24
C PHE A 215 11.08 13.94 -8.15
N LEU A 216 11.78 12.81 -8.27
CA LEU A 216 12.71 12.35 -7.24
C LEU A 216 14.17 12.75 -7.51
N ASN A 217 14.41 13.45 -8.61
CA ASN A 217 15.75 13.87 -9.00
C ASN A 217 16.73 12.71 -9.17
N VAL A 218 16.25 11.60 -9.73
CA VAL A 218 17.10 10.45 -10.00
C VAL A 218 17.08 10.10 -11.49
N GLU A 219 18.11 9.43 -11.98
CA GLU A 219 18.10 8.94 -13.35
C GLU A 219 17.12 7.80 -13.48
N ILE A 220 16.62 7.61 -14.70
CA ILE A 220 15.79 6.45 -15.00
C ILE A 220 16.70 5.24 -14.99
N PRO A 221 16.32 4.21 -14.20
CA PRO A 221 17.11 2.97 -14.11
C PRO A 221 17.43 2.42 -15.51
N ASN A 222 18.69 2.13 -15.77
CA ASN A 222 19.09 1.77 -17.12
C ASN A 222 18.71 0.35 -17.50
N GLY A 223 18.04 0.23 -18.64
CA GLY A 223 17.68 -1.07 -19.19
C GLY A 223 16.62 -1.81 -18.41
N ILE A 224 16.01 -1.16 -17.43
CA ILE A 224 14.99 -1.81 -16.62
C ILE A 224 13.63 -1.18 -16.86
N ASP A 225 12.68 -1.99 -17.33
CA ASP A 225 11.32 -1.50 -17.58
C ASP A 225 10.60 -1.15 -16.30
N TYR A 226 9.66 -0.21 -16.38
CA TYR A 226 8.84 0.08 -15.21
C TYR A 226 8.00 -1.15 -14.87
N PRO A 227 7.95 -1.53 -13.58
CA PRO A 227 7.25 -2.77 -13.21
C PRO A 227 5.76 -2.78 -13.58
N CAS A 228 5.30 -3.95 -14.01
N CAS A 228 5.26 -3.95 -13.95
CA CAS A 228 3.89 -4.17 -14.20
CA CAS A 228 3.83 -4.12 -14.23
CB CAS A 228 3.52 -4.27 -15.66
CB CAS A 228 3.57 -4.04 -15.74
C CAS A 228 3.63 -5.48 -13.53
C CAS A 228 3.40 -5.43 -13.60
O CAS A 228 3.87 -6.54 -14.13
O CAS A 228 3.24 -6.45 -14.32
SG CAS A 228 1.76 -4.34 -15.72
SG CAS A 228 1.87 -4.27 -16.21
AS CAS A 228 1.46 -6.46 -16.30
AS CAS A 228 1.67 -3.45 -18.29
CE1 CAS A 228 0.48 -7.47 -14.90
CE1 CAS A 228 1.97 -4.90 -19.61
CE2 CAS A 228 0.35 -6.34 -17.94
CE2 CAS A 228 -0.18 -2.76 -18.61
N VAL A 229 3.20 -5.42 -12.28
CA VAL A 229 2.96 -6.63 -11.50
C VAL A 229 1.67 -6.53 -10.71
N ASN A 230 1.22 -7.66 -10.18
CA ASN A 230 0.11 -7.72 -9.23
C ASN A 230 -1.26 -7.53 -9.87
N SER A 231 -1.40 -7.91 -11.14
CA SER A 231 -2.70 -7.86 -11.79
C SER A 231 -3.66 -8.82 -11.10
N HIS A 232 -4.95 -8.57 -11.21
CA HIS A 232 -5.89 -9.51 -10.60
C HIS A 232 -5.76 -10.90 -11.22
N HIS A 233 -5.45 -10.99 -12.52
CA HIS A 233 -5.27 -12.29 -13.14
C HIS A 233 -4.13 -13.06 -12.48
N GLN A 234 -3.03 -12.36 -12.21
CA GLN A 234 -1.90 -12.98 -11.54
C GLN A 234 -2.24 -13.41 -10.11
N MET A 235 -3.03 -12.58 -9.41
CA MET A 235 -3.43 -12.92 -8.04
C MET A 235 -4.36 -14.12 -8.02
N THR A 236 -5.21 -14.22 -9.02
CA THR A 236 -6.08 -15.39 -9.15
C THR A 236 -5.23 -16.65 -9.31
N GLN A 237 -4.19 -16.57 -10.14
N GLN A 237 -4.19 -16.57 -10.13
CA GLN A 237 -3.27 -17.69 -10.33
CA GLN A 237 -3.31 -17.73 -10.30
C GLN A 237 -2.53 -18.03 -9.03
C GLN A 237 -2.52 -18.04 -9.03
N LEU A 238 -2.06 -17.00 -8.33
CA LEU A 238 -1.37 -17.22 -7.05
C LEU A 238 -2.27 -17.95 -6.04
N THR A 239 -3.49 -17.47 -5.87
CA THR A 239 -4.45 -18.09 -4.97
C THR A 239 -4.67 -19.55 -5.35
N GLU A 240 -4.90 -19.81 -6.63
CA GLU A 240 -5.13 -21.19 -7.08
C GLU A 240 -3.93 -22.09 -6.83
N GLN A 241 -2.73 -21.57 -7.06
CA GLN A 241 -1.52 -22.36 -6.85
C GLN A 241 -1.23 -22.60 -5.38
N LEU A 242 -1.53 -21.63 -4.52
CA LEU A 242 -1.39 -21.86 -3.08
C LEU A 242 -2.33 -22.96 -2.61
N ILE A 243 -3.56 -22.92 -3.12
CA ILE A 243 -4.54 -23.95 -2.79
C ILE A 243 -4.09 -25.33 -3.29
N LYS A 244 -3.59 -25.37 -4.52
CA LYS A 244 -3.09 -26.61 -5.11
C LYS A 244 -1.90 -27.21 -4.38
N TYR A 245 -0.87 -26.39 -4.12
CA TYR A 245 0.39 -26.91 -3.58
C TYR A 245 0.50 -26.86 -2.05
N LYS A 246 -0.32 -26.03 -1.43
CA LYS A 246 -0.38 -25.92 0.03
C LYS A 246 0.89 -25.40 0.71
N SER A 247 1.72 -24.72 -0.08
CA SER A 247 2.80 -23.92 0.50
C SER A 247 3.24 -22.85 -0.49
N LEU A 248 3.76 -21.76 0.05
CA LEU A 248 4.37 -20.72 -0.77
C LEU A 248 5.70 -21.18 -1.34
N ASP A 249 6.49 -21.88 -0.53
CA ASP A 249 7.83 -22.25 -0.96
C ASP A 249 7.81 -23.22 -2.14
N ALA A 250 6.74 -24.00 -2.26
CA ALA A 250 6.62 -24.93 -3.39
C ALA A 250 6.42 -24.24 -4.73
N ILE A 251 5.85 -23.03 -4.72
CA ILE A 251 5.46 -22.36 -5.95
C ILE A 251 6.17 -21.04 -6.17
N ILE A 252 7.01 -20.62 -5.22
CA ILE A 252 7.52 -19.25 -5.26
C ILE A 252 8.39 -18.98 -6.49
N HIS A 253 8.97 -20.04 -7.05
CA HIS A 253 9.78 -19.91 -8.25
C HIS A 253 8.94 -19.51 -9.46
N MET A 254 7.62 -19.72 -9.36
N MET A 254 7.63 -19.75 -9.36
CA MET A 254 6.71 -19.40 -10.43
CA MET A 254 6.69 -19.41 -10.43
C MET A 254 6.22 -17.96 -10.35
C MET A 254 6.28 -17.93 -10.38
N PHE A 255 6.57 -17.28 -9.26
CA PHE A 255 6.16 -15.91 -9.05
C PHE A 255 7.34 -14.99 -8.69
N PRO A 256 8.19 -14.72 -9.68
CA PRO A 256 9.34 -13.83 -9.44
C PRO A 256 8.81 -12.41 -9.23
N ASP A 257 9.62 -11.55 -8.63
CA ASP A 257 9.22 -10.16 -8.37
C ASP A 257 8.05 -10.03 -7.39
N LEU A 258 7.70 -11.13 -6.72
CA LEU A 258 6.67 -11.12 -5.69
C LEU A 258 7.26 -10.78 -4.33
P1 A3P B . -5.80 -5.03 -12.34
O1P A3P B . -6.96 -4.30 -12.91
O2P A3P B . -6.21 -5.88 -11.14
O3P A3P B . -5.02 -5.89 -13.33
P2 A3P B . -1.84 -2.88 -6.53
O4P A3P B . -1.92 -1.56 -5.80
O5P A3P B . -0.42 -3.34 -6.69
O6P A3P B . -2.69 -3.95 -5.84
O5' A3P B . -2.39 -2.60 -8.02
C5' A3P B . -2.47 -3.64 -8.98
C4' A3P B . -3.21 -3.12 -10.18
O4' A3P B . -2.38 -2.17 -10.92
C3' A3P B . -3.54 -4.20 -11.15
O3' A3P B . -4.80 -3.88 -11.79
C2' A3P B . -2.41 -4.13 -12.10
O2' A3P B . -2.64 -4.76 -13.36
C1' A3P B . -2.19 -2.65 -12.25
N9 A3P B . -0.89 -2.29 -12.64
C8 A3P B . 0.23 -2.43 -11.92
N7 A3P B . 1.28 -1.97 -12.61
C5 A3P B . 0.82 -1.50 -13.81
C6 A3P B . 1.44 -0.89 -14.95
N6 A3P B . 2.83 -0.67 -14.97
N1 A3P B . 0.64 -0.53 -15.97
C2 A3P B . -0.67 -0.75 -15.95
N3 A3P B . -1.29 -1.30 -14.93
C4 A3P B . -0.59 -1.69 -13.83
NA NA C . -9.74 -0.22 -19.93
C TRS D . -3.17 -11.84 -1.25
C1 TRS D . -3.20 -10.43 -1.82
C2 TRS D . -3.94 -11.89 0.05
C3 TRS D . -1.73 -12.32 -1.03
N TRS D . -3.83 -12.76 -2.19
O1 TRS D . -3.68 -9.55 -0.82
O2 TRS D . -5.22 -12.40 -0.25
O3 TRS D . -1.13 -12.49 -2.29
#